data_6E2T
#
_entry.id   6E2T
#
_cell.length_a   79.289
_cell.length_b   97.448
_cell.length_c   45.771
_cell.angle_alpha   90.00
_cell.angle_beta   90.00
_cell.angle_gamma   90.00
#
_symmetry.space_group_name_H-M   'P 21 21 2'
#
loop_
_entity.id
_entity.type
_entity.pdbx_description
1 polymer 'Mevalonate diphosphate decarboxylase'
2 non-polymer '(3R)-3-HYDROXY-5-{[(R)-HYDROXY(PHOSPHONOOXY)PHOSPHORYL]OXY}-3-METHYLPENTANOIC ACID'
3 water water
#
_entity_poly.entity_id   1
_entity_poly.type   'polypeptide(L)'
_entity_poly.pdbx_seq_one_letter_code
;MHHHHHHHHGVDLGTENLYFQSNAMLSGKARAHTNIALIKYWGKANEEYILPMNSSLSLTLDAFYTETTVTFDAHYSEDV
FILNGILQNEKQTKKVKEFLNLVRQQADCTWFAKVESQNFVPTAAGLASSASGLAALAGACNVALGLNLSAKDLSRLARR
GSGSACRSIFGGFAQWNKGHSDETSFAENIPANNWENELAMLFILINDGEKDVSSRDGMKRTVETSSFYQGWLDNVEKDL
SQVHEAIKTKDFPRLGEIIEANGLRMHGTTLGAVPPFTYWSPGSLQAMALVRQARAKGIPCYFTMDAGPNVKVLVEKKNL
EALKTFLSEHFSKEQLVPAFAGPGIELFETKGMDK
;
_entity_poly.pdbx_strand_id   A
#
# COMPACT_ATOMS: atom_id res chain seq x y z
N ALA A 24 -26.33 14.23 19.14
CA ALA A 24 -26.08 12.78 18.83
C ALA A 24 -25.09 12.71 17.66
N MET A 25 -23.85 13.04 17.97
CA MET A 25 -22.79 13.10 16.98
C MET A 25 -21.49 12.66 17.59
N LEU A 26 -20.75 11.82 16.86
CA LEU A 26 -19.45 11.32 17.28
C LEU A 26 -18.50 11.53 16.12
N SER A 27 -17.30 12.03 16.41
CA SER A 27 -16.36 12.30 15.32
C SER A 27 -14.92 12.00 15.73
N GLY A 28 -14.07 11.83 14.72
CA GLY A 28 -12.67 11.55 14.94
C GLY A 28 -11.89 11.77 13.66
N LYS A 29 -10.57 11.87 13.81
CA LYS A 29 -9.69 12.21 12.70
C LYS A 29 -8.40 11.41 12.79
N ALA A 30 -7.82 11.10 11.63
CA ALA A 30 -6.51 10.45 11.64
C ALA A 30 -5.74 10.83 10.38
N ARG A 31 -4.42 10.72 10.47
CA ARG A 31 -3.54 10.88 9.32
C ARG A 31 -2.73 9.61 9.17
N ALA A 32 -2.73 9.05 7.95
CA ALA A 32 -1.96 7.86 7.65
C ALA A 32 -1.19 8.05 6.36
N HIS A 33 0.05 7.58 6.36
CA HIS A 33 0.92 7.68 5.21
C HIS A 33 0.80 6.46 4.32
N THR A 34 1.07 6.66 3.03
CA THR A 34 1.06 5.52 2.14
C THR A 34 2.22 4.59 2.45
N ASN A 35 2.10 3.35 1.99
CA ASN A 35 3.21 2.41 2.04
C ASN A 35 3.30 1.71 0.70
N ILE A 36 4.53 1.34 0.34
CA ILE A 36 4.80 0.60 -0.88
C ILE A 36 5.35 -0.76 -0.49
N ALA A 37 4.73 -1.80 -1.01
CA ALA A 37 5.14 -3.15 -0.69
C ALA A 37 6.41 -3.49 -1.45
N LEU A 38 7.41 -3.96 -0.70
CA LEU A 38 8.64 -4.49 -1.27
C LEU A 38 8.52 -5.97 -1.54
N ILE A 39 7.90 -6.71 -0.62
CA ILE A 39 7.40 -8.04 -0.86
C ILE A 39 5.89 -7.94 -0.92
N LYS A 40 5.31 -8.34 -2.06
CA LYS A 40 3.94 -8.00 -2.37
C LYS A 40 2.92 -8.89 -1.69
N TYR A 41 1.80 -8.26 -1.30
CA TYR A 41 0.54 -8.96 -1.03
C TYR A 41 -0.21 -9.14 -2.34
N TRP A 42 -0.51 -10.39 -2.69
CA TRP A 42 -1.22 -10.64 -3.94
C TRP A 42 -2.03 -11.90 -3.77
N GLY A 43 -3.31 -11.73 -3.45
CA GLY A 43 -4.25 -12.82 -3.34
C GLY A 43 -4.72 -13.05 -1.93
N LYS A 44 -6.03 -13.17 -1.76
CA LYS A 44 -6.66 -13.44 -0.47
C LYS A 44 -6.94 -14.92 -0.29
N ALA A 45 -6.62 -15.42 0.89
CA ALA A 45 -7.06 -16.72 1.36
C ALA A 45 -8.51 -16.71 1.81
N ASN A 46 -8.96 -15.58 2.33
CA ASN A 46 -10.32 -15.43 2.83
C ASN A 46 -10.79 -14.05 2.41
N GLU A 47 -11.77 -13.99 1.51
CA GLU A 47 -12.21 -12.69 1.01
C GLU A 47 -12.99 -11.93 2.08
N GLU A 48 -13.83 -12.62 2.84
CA GLU A 48 -14.67 -11.97 3.84
C GLU A 48 -13.85 -11.18 4.86
N TYR A 49 -12.72 -11.72 5.31
CA TYR A 49 -11.91 -11.12 6.37
C TYR A 49 -10.62 -10.50 5.87
N ILE A 50 -10.36 -10.59 4.57
CA ILE A 50 -9.08 -10.16 3.99
C ILE A 50 -7.92 -10.78 4.78
N LEU A 51 -7.88 -12.09 4.76
CA LEU A 51 -6.71 -12.83 5.17
C LEU A 51 -5.91 -13.15 3.91
N PRO A 52 -4.61 -12.88 3.88
CA PRO A 52 -3.86 -13.01 2.63
C PRO A 52 -3.28 -14.41 2.46
N MET A 53 -3.08 -14.79 1.20
CA MET A 53 -2.41 -16.06 0.91
C MET A 53 -0.95 -16.04 1.35
N ASN A 54 -0.32 -14.86 1.39
CA ASN A 54 1.07 -14.78 1.76
C ASN A 54 1.32 -13.51 2.57
N SER A 55 2.39 -13.53 3.34
CA SER A 55 2.80 -12.37 4.10
C SER A 55 3.50 -11.35 3.21
N SER A 56 3.56 -10.11 3.67
CA SER A 56 4.11 -9.05 2.84
C SER A 56 4.87 -8.05 3.71
N LEU A 57 5.68 -7.22 3.05
CA LEU A 57 6.59 -6.30 3.73
C LEU A 57 6.70 -5.01 2.93
N SER A 58 6.55 -3.87 3.60
CA SER A 58 6.47 -2.59 2.92
C SER A 58 7.33 -1.54 3.62
N LEU A 59 7.48 -0.42 2.94
CA LEU A 59 8.08 0.80 3.48
C LEU A 59 7.04 1.91 3.46
N THR A 60 6.79 2.53 4.61
CA THR A 60 5.89 3.66 4.71
C THR A 60 6.66 4.93 4.36
N LEU A 61 6.01 5.83 3.64
CA LEU A 61 6.65 6.96 2.98
C LEU A 61 6.15 8.29 3.54
N ASP A 62 7.04 9.29 3.56
CA ASP A 62 6.68 10.57 4.12
C ASP A 62 5.84 11.43 3.18
N ALA A 63 6.04 11.31 1.87
CA ALA A 63 5.58 12.34 0.95
C ALA A 63 4.08 12.27 0.65
N PHE A 64 3.47 11.10 0.85
CA PHE A 64 2.11 10.86 0.41
C PHE A 64 1.33 10.38 1.62
N TYR A 65 0.22 11.06 1.92
CA TYR A 65 -0.58 10.64 3.06
C TYR A 65 -2.01 11.08 2.83
N THR A 66 -2.89 10.60 3.72
CA THR A 66 -4.29 10.96 3.73
C THR A 66 -4.70 11.40 5.12
N GLU A 67 -5.48 12.46 5.18
CA GLU A 67 -6.14 12.89 6.41
C GLU A 67 -7.63 12.67 6.25
N THR A 68 -8.23 12.00 7.23
CA THR A 68 -9.64 11.65 7.17
C THR A 68 -10.29 12.02 8.47
N THR A 69 -11.44 12.69 8.37
CA THR A 69 -12.35 12.94 9.47
C THR A 69 -13.63 12.17 9.19
N VAL A 70 -14.12 11.46 10.20
CA VAL A 70 -15.41 10.79 10.11
C VAL A 70 -16.33 11.36 11.16
N THR A 71 -17.60 11.52 10.79
CA THR A 71 -18.66 11.95 11.69
C THR A 71 -19.77 10.92 11.57
N PHE A 72 -20.14 10.31 12.69
CA PHE A 72 -21.37 9.53 12.76
C PHE A 72 -22.42 10.41 13.44
N ASP A 73 -23.62 10.46 12.87
CA ASP A 73 -24.63 11.39 13.38
C ASP A 73 -26.02 10.81 13.16
N ALA A 74 -26.81 10.81 14.22
CA ALA A 74 -28.15 10.27 14.15
C ALA A 74 -29.03 11.01 13.15
N HIS A 75 -28.67 12.24 12.82
CA HIS A 75 -29.48 13.06 11.93
C HIS A 75 -29.13 12.91 10.47
N TYR A 76 -28.09 12.15 10.17
CA TYR A 76 -27.71 11.94 8.77
C TYR A 76 -28.67 10.97 8.11
N SER A 77 -28.90 11.19 6.81
CA SER A 77 -29.89 10.42 6.08
C SER A 77 -29.29 9.40 5.12
N GLU A 78 -27.97 9.44 4.93
CA GLU A 78 -27.25 8.45 4.11
C GLU A 78 -25.76 8.65 4.37
N ASP A 79 -24.98 7.64 4.03
CA ASP A 79 -23.53 7.77 4.07
C ASP A 79 -23.05 8.71 2.98
N VAL A 80 -22.13 9.60 3.33
CA VAL A 80 -21.53 10.55 2.40
C VAL A 80 -20.01 10.47 2.48
N PHE A 81 -19.35 10.45 1.31
CA PHE A 81 -17.90 10.38 1.23
C PHE A 81 -17.42 11.50 0.33
N ILE A 82 -16.58 12.38 0.89
CA ILE A 82 -15.99 13.50 0.16
C ILE A 82 -14.49 13.32 0.10
N LEU A 83 -13.92 13.39 -1.10
CA LEU A 83 -12.48 13.20 -1.30
C LEU A 83 -11.92 14.41 -2.04
N ASN A 84 -10.97 15.09 -1.41
CA ASN A 84 -10.39 16.32 -1.96
C ASN A 84 -11.49 17.28 -2.38
N GLY A 85 -12.51 17.40 -1.54
CA GLY A 85 -13.62 18.31 -1.77
C GLY A 85 -14.63 17.84 -2.79
N ILE A 86 -14.47 16.67 -3.37
CA ILE A 86 -15.38 16.17 -4.41
C ILE A 86 -16.23 15.06 -3.80
N LEU A 87 -17.55 15.22 -3.92
CA LEU A 87 -18.46 14.17 -3.51
C LEU A 87 -18.25 12.93 -4.37
N GLN A 88 -18.06 11.80 -3.71
CA GLN A 88 -17.75 10.54 -4.37
C GLN A 88 -19.02 9.76 -4.65
N ASN A 89 -19.04 9.06 -5.80
CA ASN A 89 -20.21 8.29 -6.17
C ASN A 89 -20.12 6.89 -5.56
N GLU A 90 -21.12 6.07 -5.88
CA GLU A 90 -21.24 4.78 -5.20
C GLU A 90 -20.03 3.90 -5.49
N LYS A 91 -19.60 3.84 -6.75
CA LYS A 91 -18.44 3.04 -7.11
C LYS A 91 -17.17 3.54 -6.43
N GLN A 92 -16.96 4.85 -6.42
CA GLN A 92 -15.79 5.42 -5.78
C GLN A 92 -15.78 5.20 -4.27
N THR A 93 -16.94 4.97 -3.67
CA THR A 93 -17.10 4.85 -2.24
C THR A 93 -17.14 3.39 -1.76
N LYS A 94 -17.03 2.42 -2.66
CA LYS A 94 -17.37 1.05 -2.29
C LYS A 94 -16.51 0.52 -1.14
N LYS A 95 -15.18 0.72 -1.19
CA LYS A 95 -14.37 0.20 -0.08
C LYS A 95 -14.67 0.92 1.22
N VAL A 96 -14.91 2.24 1.14
CA VAL A 96 -15.24 3.02 2.33
C VAL A 96 -16.58 2.56 2.91
N LYS A 97 -17.55 2.29 2.04
CA LYS A 97 -18.87 1.87 2.49
C LYS A 97 -18.79 0.52 3.17
N GLU A 98 -18.07 -0.42 2.56
CA GLU A 98 -17.89 -1.74 3.16
C GLU A 98 -17.25 -1.62 4.53
N PHE A 99 -16.26 -0.72 4.66
CA PHE A 99 -15.59 -0.56 5.94
C PHE A 99 -16.52 0.06 6.97
N LEU A 100 -17.26 1.10 6.57
CA LEU A 100 -18.22 1.71 7.50
C LEU A 100 -19.19 0.69 8.01
N ASN A 101 -19.69 -0.19 7.12
CA ASN A 101 -20.65 -1.18 7.55
C ASN A 101 -20.01 -2.15 8.56
N LEU A 102 -18.77 -2.58 8.30
CA LEU A 102 -18.18 -3.57 9.20
C LEU A 102 -17.83 -2.93 10.54
N VAL A 103 -17.35 -1.69 10.55
CA VAL A 103 -17.03 -1.07 11.83
C VAL A 103 -18.31 -0.76 12.62
N ARG A 104 -19.39 -0.35 11.94
CA ARG A 104 -20.67 -0.10 12.62
C ARG A 104 -21.25 -1.38 13.19
N GLN A 105 -21.21 -2.45 12.41
CA GLN A 105 -21.71 -3.73 12.89
C GLN A 105 -20.98 -4.17 14.17
N GLN A 106 -19.65 -4.05 14.20
CA GLN A 106 -18.87 -4.40 15.37
C GLN A 106 -19.25 -3.57 16.58
N ALA A 107 -19.42 -2.26 16.38
CA ALA A 107 -19.78 -1.37 17.47
C ALA A 107 -21.27 -1.27 17.74
N ASP A 108 -22.08 -1.99 16.98
CA ASP A 108 -23.53 -1.89 17.12
C ASP A 108 -23.97 -0.44 17.01
N CYS A 109 -23.38 0.27 16.05
CA CYS A 109 -23.69 1.67 15.76
C CYS A 109 -24.66 1.71 14.58
N THR A 110 -25.74 2.48 14.73
CA THR A 110 -26.82 2.49 13.75
C THR A 110 -26.93 3.81 13.00
N TRP A 111 -25.87 4.60 12.99
CA TRP A 111 -25.92 5.93 12.42
C TRP A 111 -25.20 5.96 11.07
N PHE A 112 -25.76 6.72 10.12
CA PHE A 112 -25.02 7.04 8.91
C PHE A 112 -23.86 7.97 9.23
N ALA A 113 -22.92 8.09 8.29
CA ALA A 113 -21.65 8.72 8.54
C ALA A 113 -21.32 9.65 7.39
N LYS A 114 -20.51 10.67 7.70
CA LYS A 114 -19.87 11.49 6.69
C LYS A 114 -18.38 11.33 6.82
N VAL A 115 -17.73 10.96 5.71
CA VAL A 115 -16.29 10.77 5.64
C VAL A 115 -15.75 11.88 4.76
N GLU A 116 -14.82 12.68 5.31
CA GLU A 116 -14.16 13.76 4.60
C GLU A 116 -12.66 13.47 4.57
N SER A 117 -12.12 13.22 3.39
CA SER A 117 -10.73 12.85 3.24
C SER A 117 -10.01 13.82 2.32
N GLN A 118 -8.75 14.10 2.66
CA GLN A 118 -7.88 14.90 1.83
C GLN A 118 -6.57 14.14 1.61
N ASN A 119 -6.20 13.96 0.34
CA ASN A 119 -4.94 13.34 0.00
C ASN A 119 -3.87 14.41 -0.17
N PHE A 120 -2.68 14.12 0.31
CA PHE A 120 -1.56 15.05 0.25
C PHE A 120 -0.46 14.40 -0.56
N VAL A 121 0.01 15.10 -1.58
CA VAL A 121 0.98 14.52 -2.51
C VAL A 121 1.97 15.58 -2.98
N SER A 129 -2.89 5.74 -2.63
CA SER A 129 -3.81 6.52 -1.80
C SER A 129 -4.90 5.62 -1.17
N SER A 130 -5.03 4.37 -1.67
CA SER A 130 -5.95 3.38 -1.10
C SER A 130 -5.50 2.87 0.28
N ALA A 131 -4.27 2.37 0.39
CA ALA A 131 -3.74 2.00 1.70
C ALA A 131 -3.89 3.16 2.69
N SER A 132 -3.41 4.36 2.33
CA SER A 132 -3.42 5.45 3.29
C SER A 132 -4.84 5.90 3.64
N GLY A 133 -5.76 5.87 2.67
CA GLY A 133 -7.11 6.33 2.94
C GLY A 133 -7.88 5.41 3.86
N LEU A 134 -7.77 4.11 3.65
CA LEU A 134 -8.50 3.18 4.51
C LEU A 134 -7.85 3.10 5.88
N ALA A 135 -6.52 3.21 5.95
CA ALA A 135 -5.89 3.27 7.27
C ALA A 135 -6.35 4.50 8.04
N ALA A 136 -6.37 5.65 7.37
CA ALA A 136 -6.83 6.87 8.03
C ALA A 136 -8.27 6.74 8.49
N LEU A 137 -9.13 6.14 7.65
CA LEU A 137 -10.53 5.97 8.05
C LEU A 137 -10.62 5.03 9.24
N ALA A 138 -9.86 3.95 9.25
CA ALA A 138 -9.88 3.08 10.44
C ALA A 138 -9.48 3.84 11.68
N GLY A 139 -8.41 4.64 11.59
CA GLY A 139 -8.00 5.43 12.74
C GLY A 139 -9.06 6.42 13.19
N ALA A 140 -9.67 7.11 12.22
CA ALA A 140 -10.71 8.09 12.54
C ALA A 140 -11.92 7.43 13.20
N CYS A 141 -12.30 6.23 12.73
CA CYS A 141 -13.42 5.52 13.35
C CYS A 141 -13.07 5.03 14.75
N ASN A 142 -11.85 4.53 14.93
CA ASN A 142 -11.34 4.17 16.24
C ASN A 142 -11.48 5.33 17.22
N VAL A 143 -11.14 6.55 16.79
CA VAL A 143 -11.33 7.71 17.66
C VAL A 143 -12.81 8.01 17.88
N ALA A 144 -13.59 8.08 16.81
CA ALA A 144 -14.98 8.54 16.93
C ALA A 144 -15.81 7.60 17.80
N LEU A 145 -15.64 6.29 17.61
CA LEU A 145 -16.45 5.31 18.30
C LEU A 145 -15.83 4.86 19.62
N GLY A 146 -14.73 5.48 20.03
CA GLY A 146 -14.10 5.16 21.30
C GLY A 146 -13.60 3.73 21.42
N LEU A 147 -13.07 3.18 20.33
CA LEU A 147 -12.67 1.77 20.34
C LEU A 147 -11.39 1.52 21.12
N ASN A 148 -10.57 2.54 21.35
CA ASN A 148 -9.37 2.43 22.19
C ASN A 148 -8.47 1.26 21.75
N LEU A 149 -8.22 1.16 20.44
CA LEU A 149 -7.48 0.01 19.93
C LEU A 149 -5.97 0.20 20.06
N SER A 150 -5.30 -0.92 20.35
CA SER A 150 -3.85 -1.01 20.22
C SER A 150 -3.46 -0.91 18.76
N ALA A 151 -2.16 -0.67 18.52
CA ALA A 151 -1.68 -0.62 17.14
C ALA A 151 -1.97 -1.94 16.42
N LYS A 152 -1.75 -3.07 17.11
CA LYS A 152 -2.06 -4.38 16.55
C LYS A 152 -3.53 -4.47 16.15
N ASP A 153 -4.43 -4.10 17.07
CA ASP A 153 -5.84 -4.26 16.77
C ASP A 153 -6.35 -3.20 15.80
N LEU A 154 -5.69 -2.05 15.72
CA LEU A 154 -5.98 -1.07 14.67
C LEU A 154 -5.53 -1.57 13.30
N SER A 155 -4.38 -2.25 13.25
CA SER A 155 -3.94 -2.90 12.03
C SER A 155 -4.96 -3.96 11.60
N ARG A 156 -5.44 -4.78 12.55
CA ARG A 156 -6.46 -5.77 12.23
C ARG A 156 -7.73 -5.14 11.69
N LEU A 157 -8.16 -4.03 12.28
CA LEU A 157 -9.35 -3.33 11.79
C LEU A 157 -9.13 -2.79 10.38
N ALA A 158 -8.01 -2.07 10.17
CA ALA A 158 -7.73 -1.53 8.85
C ALA A 158 -7.64 -2.63 7.79
N ARG A 159 -7.10 -3.79 8.17
CA ARG A 159 -7.01 -4.93 7.25
C ARG A 159 -8.36 -5.27 6.63
N ARG A 160 -9.44 -5.13 7.41
CA ARG A 160 -10.77 -5.49 6.92
C ARG A 160 -11.25 -4.54 5.85
N GLY A 161 -10.72 -3.29 5.82
CA GLY A 161 -11.05 -2.36 4.75
C GLY A 161 -10.21 -2.54 3.51
N SER A 162 -8.93 -2.79 3.69
CA SER A 162 -8.04 -3.05 2.56
C SER A 162 -6.77 -3.67 3.12
N GLY A 163 -6.28 -4.73 2.47
CA GLY A 163 -5.12 -5.41 3.01
C GLY A 163 -3.92 -4.50 3.15
N SER A 164 -3.58 -3.76 2.09
CA SER A 164 -2.40 -2.90 2.18
C SER A 164 -2.56 -1.82 3.24
N ALA A 165 -3.78 -1.45 3.59
CA ALA A 165 -4.00 -0.44 4.63
C ALA A 165 -3.48 -0.88 5.98
N CYS A 166 -3.48 -2.18 6.26
CA CYS A 166 -3.07 -2.59 7.60
C CYS A 166 -1.60 -2.30 7.89
N ARG A 167 -0.79 -2.14 6.84
CA ARG A 167 0.62 -1.83 7.03
C ARG A 167 0.85 -0.35 7.29
N SER A 168 -0.05 0.53 6.85
CA SER A 168 0.14 1.96 7.03
C SER A 168 -0.12 2.41 8.46
N ILE A 169 -0.58 1.51 9.33
CA ILE A 169 -0.62 1.79 10.76
C ILE A 169 0.78 2.06 11.29
N PHE A 170 1.78 1.50 10.63
CA PHE A 170 3.15 1.56 11.08
C PHE A 170 4.04 2.39 10.16
N GLY A 171 5.12 2.92 10.73
CA GLY A 171 6.10 3.66 9.97
C GLY A 171 7.27 2.77 9.54
N GLY A 172 8.11 3.33 8.68
CA GLY A 172 9.33 2.63 8.28
C GLY A 172 9.00 1.33 7.59
N PHE A 173 9.79 0.32 7.90
CA PHE A 173 9.54 -1.03 7.38
C PHE A 173 8.45 -1.68 8.22
N ALA A 174 7.51 -2.33 7.55
CA ALA A 174 6.44 -3.02 8.24
C ALA A 174 6.16 -4.34 7.55
N GLN A 175 5.84 -5.36 8.33
CA GLN A 175 5.48 -6.67 7.81
C GLN A 175 4.05 -6.98 8.18
N TRP A 176 3.25 -7.36 7.18
CA TRP A 176 1.94 -7.97 7.41
C TRP A 176 2.11 -9.48 7.48
N ASN A 177 1.93 -10.03 8.69
CA ASN A 177 2.02 -11.47 8.87
C ASN A 177 0.67 -12.03 8.49
N LYS A 178 0.67 -13.02 7.60
CA LYS A 178 -0.58 -13.52 7.04
C LYS A 178 -1.50 -14.13 8.11
N GLY A 179 -0.92 -14.72 9.13
CA GLY A 179 -1.72 -15.38 10.14
C GLY A 179 -2.58 -16.48 9.53
N HIS A 180 -3.59 -16.88 10.29
CA HIS A 180 -4.52 -17.92 9.88
C HIS A 180 -5.96 -17.59 10.27
N SER A 181 -6.21 -16.37 10.76
CA SER A 181 -7.49 -16.00 11.34
C SER A 181 -7.55 -14.48 11.44
N ASP A 182 -8.77 -13.99 11.65
CA ASP A 182 -8.96 -12.56 11.90
C ASP A 182 -8.11 -12.07 13.08
N GLU A 183 -7.89 -12.93 14.07
CA GLU A 183 -7.13 -12.51 15.23
C GLU A 183 -5.63 -12.49 15.01
N THR A 184 -5.11 -13.22 14.02
CA THR A 184 -3.68 -13.43 13.87
C THR A 184 -3.10 -12.81 12.61
N SER A 185 -3.90 -12.12 11.82
CA SER A 185 -3.46 -11.49 10.58
C SER A 185 -3.36 -9.99 10.83
N PHE A 186 -2.14 -9.47 10.92
CA PHE A 186 -1.95 -8.05 11.16
C PHE A 186 -0.49 -7.70 10.91
N ALA A 187 -0.21 -6.40 10.93
CA ALA A 187 1.12 -5.89 10.61
C ALA A 187 1.83 -5.42 11.87
N GLU A 188 3.15 -5.24 11.74
CA GLU A 188 4.00 -4.72 12.80
C GLU A 188 5.19 -4.01 12.17
N ASN A 189 5.76 -3.07 12.90
CA ASN A 189 6.99 -2.43 12.46
C ASN A 189 8.15 -3.41 12.55
N ILE A 190 9.07 -3.29 11.60
CA ILE A 190 10.31 -4.08 11.56
C ILE A 190 11.46 -3.18 11.97
N PRO A 191 12.05 -3.35 13.16
CA PRO A 191 13.22 -2.55 13.54
C PRO A 191 14.38 -2.76 12.58
N ALA A 192 15.04 -1.67 12.21
CA ALA A 192 16.08 -1.76 11.19
C ALA A 192 17.30 -0.92 11.52
N ASN A 193 17.49 -0.56 12.79
CA ASN A 193 18.65 0.22 13.23
C ASN A 193 18.76 1.48 12.38
N ASN A 194 17.60 2.06 12.08
CA ASN A 194 17.45 3.33 11.36
C ASN A 194 17.87 3.26 9.91
N TRP A 195 18.06 2.06 9.35
CA TRP A 195 18.41 1.96 7.93
C TRP A 195 17.38 2.64 7.03
N GLU A 196 16.09 2.59 7.41
CA GLU A 196 15.06 3.18 6.55
C GLU A 196 15.28 4.67 6.35
N ASN A 197 15.99 5.32 7.27
CA ASN A 197 16.24 6.74 7.17
C ASN A 197 17.39 7.07 6.21
N GLU A 198 18.06 6.07 5.65
CA GLU A 198 19.08 6.27 4.62
C GLU A 198 18.57 5.96 3.20
N LEU A 199 17.31 5.58 3.06
CA LEU A 199 16.75 5.13 1.79
C LEU A 199 15.75 6.14 1.25
N ALA A 200 15.44 5.99 -0.04
CA ALA A 200 14.44 6.81 -0.68
C ALA A 200 13.72 5.98 -1.73
N MET A 201 12.54 6.44 -2.10
CA MET A 201 11.82 5.91 -3.25
C MET A 201 11.55 7.05 -4.20
N LEU A 202 11.98 6.90 -5.45
CA LEU A 202 11.66 7.86 -6.49
C LEU A 202 10.52 7.30 -7.32
N PHE A 203 9.38 7.98 -7.31
CA PHE A 203 8.22 7.59 -8.09
C PHE A 203 8.35 8.12 -9.50
N ILE A 204 8.19 7.25 -10.48
CA ILE A 204 8.10 7.66 -11.89
C ILE A 204 6.63 7.58 -12.29
N LEU A 205 6.02 8.74 -12.48
CA LEU A 205 4.58 8.84 -12.71
C LEU A 205 4.32 8.66 -14.19
N ILE A 206 3.65 7.56 -14.53
CA ILE A 206 3.46 7.12 -15.89
C ILE A 206 2.00 7.36 -16.24
N ASN A 207 1.77 8.03 -17.36
CA ASN A 207 0.48 8.58 -17.72
C ASN A 207 -0.19 7.86 -18.88
N ASP A 208 0.46 6.86 -19.48
CA ASP A 208 0.01 6.26 -20.73
C ASP A 208 -0.72 4.93 -20.53
N GLY A 209 -1.37 4.72 -19.38
CA GLY A 209 -1.92 3.43 -19.04
C GLY A 209 -3.33 3.16 -19.58
N GLU A 210 -3.55 1.89 -19.98
CA GLU A 210 -4.90 1.38 -20.23
C GLU A 210 -5.72 1.42 -18.95
N LYS A 211 -7.03 1.25 -19.09
CA LYS A 211 -7.88 0.98 -17.94
C LYS A 211 -7.45 -0.34 -17.31
N ASP A 212 -7.17 -0.32 -16.00
CA ASP A 212 -6.64 -1.50 -15.33
C ASP A 212 -7.68 -2.14 -14.43
N VAL A 213 -7.65 -3.46 -14.41
CA VAL A 213 -8.30 -4.24 -13.38
C VAL A 213 -7.90 -3.72 -12.00
N SER A 214 -8.87 -3.57 -11.10
CA SER A 214 -8.52 -3.17 -9.75
C SER A 214 -7.63 -4.22 -9.09
N SER A 215 -6.91 -3.80 -8.05
CA SER A 215 -6.12 -4.75 -7.29
C SER A 215 -7.00 -5.85 -6.71
N ARG A 216 -8.14 -5.49 -6.14
CA ARG A 216 -9.01 -6.50 -5.54
C ARG A 216 -9.47 -7.51 -6.58
N ASP A 217 -9.95 -7.06 -7.74
CA ASP A 217 -10.43 -8.00 -8.78
C ASP A 217 -9.28 -8.76 -9.42
N GLY A 218 -8.14 -8.09 -9.63
CA GLY A 218 -7.05 -8.72 -10.34
C GLY A 218 -6.40 -9.81 -9.52
N MET A 219 -6.20 -9.57 -8.22
CA MET A 219 -5.62 -10.63 -7.40
C MET A 219 -6.59 -11.80 -7.27
N LYS A 220 -7.89 -11.53 -7.21
CA LYS A 220 -8.85 -12.64 -7.16
C LYS A 220 -8.78 -13.47 -8.44
N ARG A 221 -8.76 -12.81 -9.61
CA ARG A 221 -8.63 -13.54 -10.86
C ARG A 221 -7.34 -14.36 -10.88
N THR A 222 -6.27 -13.80 -10.34
CA THR A 222 -4.99 -14.51 -10.34
C THR A 222 -5.06 -15.75 -9.46
N VAL A 223 -5.57 -15.60 -8.23
CA VAL A 223 -5.67 -16.76 -7.33
C VAL A 223 -6.49 -17.84 -7.98
N GLU A 224 -7.60 -17.45 -8.60
CA GLU A 224 -8.55 -18.45 -9.08
C GLU A 224 -8.13 -19.10 -10.38
N THR A 225 -7.36 -18.42 -11.24
CA THR A 225 -7.13 -18.90 -12.60
C THR A 225 -5.68 -18.94 -13.06
N SER A 226 -4.72 -18.33 -12.36
CA SER A 226 -3.38 -18.27 -12.92
C SER A 226 -2.61 -19.56 -12.69
N SER A 227 -2.09 -20.13 -13.78
CA SER A 227 -1.20 -21.29 -13.67
C SER A 227 0.16 -20.94 -13.08
N PHE A 228 0.44 -19.67 -12.86
CA PHE A 228 1.70 -19.24 -12.27
C PHE A 228 1.58 -18.95 -10.77
N TYR A 229 0.38 -19.05 -10.19
CA TYR A 229 0.20 -18.56 -8.83
C TYR A 229 0.93 -19.44 -7.82
N GLN A 230 0.96 -20.75 -8.02
CA GLN A 230 1.68 -21.59 -7.07
C GLN A 230 3.17 -21.23 -7.07
N GLY A 231 3.73 -20.90 -8.23
CA GLY A 231 5.13 -20.50 -8.28
C GLY A 231 5.38 -19.21 -7.51
N TRP A 232 4.42 -18.30 -7.58
CA TRP A 232 4.49 -17.09 -6.74
C TRP A 232 4.51 -17.47 -5.26
N LEU A 233 3.55 -18.29 -4.84
CA LEU A 233 3.45 -18.60 -3.41
C LEU A 233 4.71 -19.30 -2.91
N ASP A 234 5.27 -20.21 -3.71
CA ASP A 234 6.42 -21.01 -3.31
C ASP A 234 7.69 -20.20 -3.12
N ASN A 235 7.72 -18.96 -3.58
CA ASN A 235 8.91 -18.12 -3.48
C ASN A 235 8.81 -16.99 -2.47
N VAL A 236 7.63 -16.73 -1.89
CA VAL A 236 7.44 -15.56 -1.03
C VAL A 236 8.25 -15.65 0.26
N GLU A 237 8.21 -16.81 0.93
CA GLU A 237 8.81 -16.85 2.24
C GLU A 237 10.32 -16.71 2.18
N LYS A 238 10.97 -17.32 1.17
CA LYS A 238 12.42 -17.15 1.11
C LYS A 238 12.78 -15.73 0.72
N ASP A 239 11.93 -15.03 -0.05
CA ASP A 239 12.16 -13.62 -0.30
C ASP A 239 12.09 -12.81 1.00
N LEU A 240 11.07 -13.07 1.81
CA LEU A 240 10.94 -12.37 3.08
C LEU A 240 12.14 -12.61 3.97
N SER A 241 12.56 -13.87 4.06
CA SER A 241 13.72 -14.20 4.89
C SER A 241 14.95 -13.44 4.44
N GLN A 242 15.19 -13.36 3.13
CA GLN A 242 16.36 -12.66 2.65
C GLN A 242 16.25 -11.16 2.82
N VAL A 243 15.03 -10.60 2.74
CA VAL A 243 14.89 -9.18 3.07
C VAL A 243 15.28 -8.95 4.53
N HIS A 244 14.84 -9.82 5.42
CA HIS A 244 15.22 -9.64 6.83
C HIS A 244 16.72 -9.77 7.02
N GLU A 245 17.35 -10.72 6.32
CA GLU A 245 18.81 -10.83 6.41
C GLU A 245 19.48 -9.57 5.89
N ALA A 246 19.00 -9.04 4.77
CA ALA A 246 19.61 -7.84 4.20
C ALA A 246 19.45 -6.66 5.14
N ILE A 247 18.28 -6.55 5.78
CA ILE A 247 18.05 -5.44 6.70
C ILE A 247 19.03 -5.51 7.86
N LYS A 248 19.18 -6.69 8.45
CA LYS A 248 20.07 -6.84 9.59
C LYS A 248 21.49 -6.41 9.25
N THR A 249 21.90 -6.52 7.99
CA THR A 249 23.25 -6.17 7.55
C THR A 249 23.31 -4.88 6.73
N LYS A 250 22.18 -4.21 6.52
CA LYS A 250 22.08 -3.00 5.69
C LYS A 250 22.72 -3.23 4.33
N ASP A 251 22.35 -4.34 3.71
CA ASP A 251 22.91 -4.76 2.43
C ASP A 251 21.98 -4.28 1.32
N PHE A 252 22.29 -3.12 0.72
CA PHE A 252 21.32 -2.52 -0.19
C PHE A 252 21.20 -3.30 -1.48
N PRO A 253 22.29 -3.70 -2.15
CA PRO A 253 22.12 -4.45 -3.39
C PRO A 253 21.37 -5.76 -3.20
N ARG A 254 21.57 -6.42 -2.06
CA ARG A 254 20.84 -7.68 -1.83
C ARG A 254 19.35 -7.41 -1.65
N LEU A 255 19.00 -6.45 -0.77
CA LEU A 255 17.62 -6.03 -0.65
C LEU A 255 17.04 -5.73 -2.02
N GLY A 256 17.75 -4.95 -2.82
CA GLY A 256 17.20 -4.50 -4.08
C GLY A 256 16.96 -5.66 -5.04
N GLU A 257 17.93 -6.59 -5.13
CA GLU A 257 17.75 -7.73 -6.04
C GLU A 257 16.54 -8.56 -5.64
N ILE A 258 16.35 -8.80 -4.35
CA ILE A 258 15.23 -9.62 -3.90
C ILE A 258 13.91 -8.95 -4.23
N ILE A 259 13.79 -7.65 -3.90
CA ILE A 259 12.48 -7.02 -4.05
C ILE A 259 12.19 -6.75 -5.52
N GLU A 260 13.21 -6.46 -6.33
CA GLU A 260 12.90 -6.28 -7.75
C GLU A 260 12.39 -7.57 -8.35
N ALA A 261 13.04 -8.69 -8.05
CA ALA A 261 12.56 -9.96 -8.57
C ALA A 261 11.19 -10.34 -8.01
N ASN A 262 10.93 -10.03 -6.72
CA ASN A 262 9.62 -10.30 -6.16
C ASN A 262 8.53 -9.57 -6.93
N GLY A 263 8.74 -8.29 -7.23
CA GLY A 263 7.72 -7.53 -7.92
C GLY A 263 7.48 -8.07 -9.31
N LEU A 264 8.56 -8.39 -10.03
CA LEU A 264 8.39 -8.95 -11.36
C LEU A 264 7.68 -10.29 -11.31
N ARG A 265 7.93 -11.08 -10.27
CA ARG A 265 7.24 -12.36 -10.17
C ARG A 265 5.75 -12.16 -9.94
N MET A 266 5.38 -11.17 -9.13
CA MET A 266 3.97 -10.85 -8.90
C MET A 266 3.30 -10.47 -10.21
N HIS A 267 3.95 -9.62 -11.00
CA HIS A 267 3.35 -9.21 -12.26
C HIS A 267 3.31 -10.34 -13.26
N GLY A 268 4.31 -11.23 -13.21
CA GLY A 268 4.27 -12.41 -14.07
C GLY A 268 3.00 -13.23 -13.87
N THR A 269 2.48 -13.28 -12.63
CA THR A 269 1.31 -14.13 -12.42
C THR A 269 0.12 -13.67 -13.22
N THR A 270 -0.01 -12.36 -13.49
CA THR A 270 -1.21 -11.91 -14.19
C THR A 270 -1.18 -12.30 -15.65
N LEU A 271 0.01 -12.57 -16.20
CA LEU A 271 0.11 -13.05 -17.58
C LEU A 271 -0.30 -14.52 -17.72
N GLY A 272 -0.46 -15.22 -16.61
CA GLY A 272 -0.97 -16.57 -16.62
C GLY A 272 -2.41 -16.71 -16.17
N ALA A 273 -3.05 -15.59 -15.81
CA ALA A 273 -4.45 -15.57 -15.43
C ALA A 273 -5.31 -15.81 -16.67
N VAL A 274 -6.59 -16.06 -16.43
CA VAL A 274 -7.54 -16.35 -17.50
C VAL A 274 -8.75 -15.45 -17.33
N PRO A 275 -8.94 -14.43 -18.16
CA PRO A 275 -8.04 -13.99 -19.24
C PRO A 275 -6.81 -13.31 -18.67
N PRO A 276 -5.70 -13.38 -19.40
CA PRO A 276 -4.47 -12.76 -18.91
C PRO A 276 -4.53 -11.25 -19.05
N PHE A 277 -3.74 -10.58 -18.22
CA PHE A 277 -3.74 -9.12 -18.20
C PHE A 277 -2.42 -8.62 -17.64
N THR A 278 -2.16 -7.32 -17.86
CA THR A 278 -0.95 -6.69 -17.37
C THR A 278 -1.28 -5.31 -16.83
N TYR A 279 -0.60 -4.94 -15.74
CA TYR A 279 -0.64 -3.59 -15.21
C TYR A 279 0.34 -2.67 -15.90
N TRP A 280 1.20 -3.19 -16.75
CA TRP A 280 2.24 -2.38 -17.35
C TRP A 280 1.69 -1.53 -18.49
N SER A 281 2.20 -0.32 -18.62
CA SER A 281 2.04 0.50 -19.79
C SER A 281 3.39 0.63 -20.47
N PRO A 282 3.41 1.16 -21.70
CA PRO A 282 4.70 1.37 -22.37
C PRO A 282 5.69 2.12 -21.52
N GLY A 283 5.25 3.20 -20.88
CA GLY A 283 6.18 3.97 -20.06
C GLY A 283 6.72 3.18 -18.90
N SER A 284 5.95 2.22 -18.38
CA SER A 284 6.46 1.38 -17.30
C SER A 284 7.68 0.61 -17.76
N LEU A 285 7.62 0.07 -18.97
CA LEU A 285 8.71 -0.70 -19.48
C LEU A 285 9.91 0.18 -19.74
N GLN A 286 9.65 1.37 -20.28
CA GLN A 286 10.73 2.33 -20.50
C GLN A 286 11.45 2.63 -19.20
N ALA A 287 10.70 2.87 -18.13
CA ALA A 287 11.31 3.19 -16.85
C ALA A 287 12.11 2.01 -16.31
N MET A 288 11.53 0.80 -16.38
CA MET A 288 12.26 -0.38 -15.90
C MET A 288 13.59 -0.54 -16.63
N ALA A 289 13.57 -0.34 -17.95
CA ALA A 289 14.77 -0.49 -18.74
C ALA A 289 15.79 0.57 -18.34
N LEU A 290 15.32 1.78 -18.03
CA LEU A 290 16.25 2.83 -17.63
C LEU A 290 16.83 2.57 -16.23
N VAL A 291 16.08 1.93 -15.34
CA VAL A 291 16.65 1.56 -14.05
C VAL A 291 17.78 0.56 -14.24
N ARG A 292 17.59 -0.39 -15.15
CA ARG A 292 18.66 -1.33 -15.45
C ARG A 292 19.86 -0.57 -16.00
N GLN A 293 19.61 0.44 -16.84
CA GLN A 293 20.70 1.24 -17.40
C GLN A 293 21.40 1.99 -16.28
N ALA A 294 20.61 2.57 -15.38
CA ALA A 294 21.20 3.30 -14.27
C ALA A 294 22.15 2.40 -13.48
N ARG A 295 21.73 1.16 -13.22
CA ARG A 295 22.58 0.20 -12.52
C ARG A 295 23.87 -0.06 -13.30
N ALA A 296 23.74 -0.23 -14.61
CA ALA A 296 24.90 -0.43 -15.48
C ALA A 296 25.85 0.77 -15.43
N LYS A 297 25.34 2.00 -15.32
CA LYS A 297 26.19 3.16 -15.15
C LYS A 297 26.63 3.48 -13.70
N GLY A 298 26.50 2.57 -12.72
CA GLY A 298 26.97 2.84 -11.39
C GLY A 298 25.99 3.34 -10.36
N ILE A 299 24.71 3.43 -10.69
CA ILE A 299 23.74 3.92 -9.71
C ILE A 299 22.97 2.70 -9.17
N PRO A 300 23.21 2.25 -7.95
CA PRO A 300 22.44 1.12 -7.41
C PRO A 300 21.00 1.54 -7.12
N CYS A 301 20.07 0.93 -7.83
CA CYS A 301 18.67 1.30 -7.65
C CYS A 301 17.85 0.19 -8.26
N TYR A 302 16.63 0.02 -7.76
CA TYR A 302 15.85 -1.19 -8.01
C TYR A 302 14.38 -0.81 -8.07
N PHE A 303 13.65 -1.36 -9.03
CA PHE A 303 12.28 -0.92 -9.24
C PHE A 303 11.26 -1.92 -8.71
N THR A 304 10.05 -1.40 -8.52
CA THR A 304 8.88 -2.20 -8.16
C THR A 304 7.63 -1.47 -8.64
N MET A 305 6.60 -2.24 -8.90
CA MET A 305 5.33 -1.75 -9.39
C MET A 305 4.21 -2.40 -8.61
N ASP A 306 3.11 -1.68 -8.46
CA ASP A 306 1.90 -2.21 -7.88
C ASP A 306 0.83 -2.37 -8.98
N ALA A 307 -0.43 -2.18 -8.64
CA ALA A 307 -1.52 -2.46 -9.57
C ALA A 307 -1.84 -1.24 -10.41
N GLY A 308 -0.84 -0.82 -11.17
CA GLY A 308 -0.92 0.34 -12.01
C GLY A 308 0.40 0.54 -12.70
N PRO A 309 0.48 1.54 -13.58
CA PRO A 309 1.67 1.69 -14.44
C PRO A 309 2.84 2.45 -13.81
N ASN A 310 2.65 3.11 -12.66
CA ASN A 310 3.76 3.86 -12.07
C ASN A 310 4.90 2.93 -11.68
N VAL A 311 6.12 3.45 -11.70
CA VAL A 311 7.30 2.68 -11.37
C VAL A 311 7.99 3.38 -10.20
N LYS A 312 8.16 2.65 -9.11
CA LYS A 312 8.78 3.16 -7.90
C LYS A 312 10.19 2.63 -7.83
N VAL A 313 11.16 3.50 -7.58
CA VAL A 313 12.57 3.09 -7.63
C VAL A 313 13.20 3.28 -6.27
N LEU A 314 13.62 2.16 -5.67
CA LEU A 314 14.29 2.20 -4.38
C LEU A 314 15.75 2.55 -4.63
N VAL A 315 16.24 3.56 -3.90
CA VAL A 315 17.58 4.09 -4.09
C VAL A 315 18.06 4.60 -2.74
N GLU A 316 19.37 4.59 -2.54
CA GLU A 316 19.91 5.23 -1.34
C GLU A 316 19.83 6.73 -1.48
N LYS A 317 19.58 7.41 -0.35
CA LYS A 317 19.47 8.87 -0.35
C LYS A 317 20.64 9.52 -1.04
N LYS A 318 21.84 8.98 -0.80
CA LYS A 318 23.05 9.57 -1.36
C LYS A 318 23.11 9.51 -2.88
N ASN A 319 22.27 8.70 -3.53
CA ASN A 319 22.27 8.60 -4.98
C ASN A 319 20.96 9.06 -5.60
N LEU A 320 20.03 9.57 -4.80
CA LEU A 320 18.74 9.97 -5.32
C LEU A 320 18.87 11.07 -6.37
N GLU A 321 19.67 12.11 -6.11
CA GLU A 321 19.76 13.22 -7.06
C GLU A 321 20.40 12.78 -8.36
N ALA A 322 21.44 11.93 -8.29
CA ALA A 322 22.04 11.35 -9.48
C ALA A 322 21.03 10.58 -10.31
N LEU A 323 20.17 9.80 -9.65
CA LEU A 323 19.16 9.03 -10.35
C LEU A 323 18.14 9.95 -10.99
N LYS A 324 17.67 10.97 -10.25
CA LYS A 324 16.66 11.86 -10.80
C LYS A 324 17.20 12.56 -12.05
N THR A 325 18.43 13.03 -11.98
CA THR A 325 19.03 13.69 -13.16
C THR A 325 19.11 12.74 -14.35
N PHE A 326 19.55 11.49 -14.11
CA PHE A 326 19.62 10.52 -15.19
C PHE A 326 18.27 10.29 -15.82
N LEU A 327 17.24 10.10 -14.98
CA LEU A 327 15.91 9.82 -15.51
C LEU A 327 15.31 11.04 -16.20
N SER A 328 15.72 12.25 -15.82
CA SER A 328 15.21 13.45 -16.49
C SER A 328 15.56 13.49 -17.97
N GLU A 329 16.46 12.61 -18.44
CA GLU A 329 16.74 12.57 -19.86
C GLU A 329 15.52 12.06 -20.61
N HIS A 330 14.57 11.44 -19.91
CA HIS A 330 13.43 10.80 -20.57
C HIS A 330 12.09 11.11 -19.92
N PHE A 331 12.06 11.61 -18.69
CA PHE A 331 10.85 11.94 -17.98
C PHE A 331 10.91 13.39 -17.53
N SER A 332 9.75 14.04 -17.49
CA SER A 332 9.69 15.43 -17.06
C SER A 332 9.85 15.52 -15.54
N LYS A 333 10.22 16.70 -15.06
CA LYS A 333 10.45 16.84 -13.62
C LYS A 333 9.16 16.64 -12.83
N GLU A 334 7.99 16.89 -13.45
CA GLU A 334 6.73 16.58 -12.77
C GLU A 334 6.53 15.09 -12.61
N GLN A 335 7.14 14.27 -13.47
CA GLN A 335 6.93 12.84 -13.42
C GLN A 335 7.83 12.14 -12.42
N LEU A 336 8.76 12.85 -11.79
CA LEU A 336 9.76 12.25 -10.90
C LEU A 336 9.59 12.83 -9.49
N VAL A 337 8.93 12.06 -8.62
CA VAL A 337 8.53 12.55 -7.31
C VAL A 337 9.25 11.74 -6.24
N PRO A 338 10.12 12.35 -5.44
CA PRO A 338 10.83 11.60 -4.40
C PRO A 338 10.08 11.48 -3.09
N ALA A 339 10.40 10.42 -2.35
CA ALA A 339 9.87 10.19 -1.02
C ALA A 339 10.93 9.53 -0.15
N PHE A 340 10.91 9.86 1.13
CA PHE A 340 11.70 9.21 2.16
C PHE A 340 10.76 8.40 3.06
N ALA A 341 11.35 7.72 4.04
CA ALA A 341 10.57 6.95 4.98
C ALA A 341 9.65 7.86 5.80
N GLY A 342 8.49 7.33 6.14
CA GLY A 342 7.49 8.09 6.87
C GLY A 342 7.02 7.39 8.13
N PRO A 343 6.13 8.06 8.86
CA PRO A 343 5.72 7.57 10.19
C PRO A 343 4.44 6.74 10.14
N GLY A 344 4.15 6.12 11.28
CA GLY A 344 2.91 5.39 11.47
C GLY A 344 1.72 6.34 11.67
N ILE A 345 0.56 5.73 11.89
CA ILE A 345 -0.67 6.50 11.94
C ILE A 345 -0.69 7.48 13.11
N GLU A 346 -1.34 8.61 12.90
CA GLU A 346 -1.51 9.64 13.90
C GLU A 346 -3.00 9.86 14.12
N LEU A 347 -3.45 9.77 15.37
CA LEU A 347 -4.85 9.95 15.74
C LEU A 347 -5.06 11.35 16.32
N PHE A 348 -6.22 11.93 16.02
CA PHE A 348 -6.60 13.26 16.52
C PHE A 348 -8.03 13.29 17.03
N GLU A 349 -8.24 13.90 18.18
CA GLU A 349 -9.59 14.21 18.63
C GLU A 349 -10.14 15.44 17.92
N THR A 350 -11.45 15.44 17.68
CA THR A 350 -12.09 16.54 16.96
C THR A 350 -12.67 17.59 17.91
#